data_8AHC
#
_entry.id   8AHC
#
_cell.length_a   69.883
_cell.length_b   125.201
_cell.length_c   29.463
_cell.angle_alpha   90.000
_cell.angle_beta   90.000
_cell.angle_gamma   90.000
#
_symmetry.space_group_name_H-M   'P 21 21 2'
#
loop_
_entity.id
_entity.type
_entity.pdbx_description
1 polymer 'Bromodomain-containing protein 9'
2 non-polymer [2,6-dimethoxy-4-(1,2,5-trimethyl-6-oxidanylidene-pyridin-3-yl)phenyl]methyl-dimethyl-azanium
3 water water
#
_entity_poly.entity_id   1
_entity_poly.type   'polypeptide(L)'
_entity_poly.pdbx_seq_one_letter_code
;SMLKLSAENESTPIQQLLEHFLRQLQRKDPHGFFAFPVTDAIAPGYSMIIKHPMDFGTMKDKIVANEYKSVTEFKADFKL
MCDNAMTYNRPDTVYYKLAKKILHAGFKMMSKERLLALKRSMS
;
_entity_poly.pdbx_strand_id   A,B
#
# COMPACT_ATOMS: atom_id res chain seq x y z
N SER A 11 -6.75 -2.36 -8.37
CA SER A 11 -6.55 -1.74 -7.06
C SER A 11 -5.76 -0.42 -7.20
N THR A 12 -6.12 0.59 -6.39
CA THR A 12 -5.45 1.90 -6.39
C THR A 12 -4.46 2.00 -5.21
N PRO A 13 -3.53 2.98 -5.21
CA PRO A 13 -2.60 3.09 -4.07
C PRO A 13 -3.28 3.29 -2.72
N ILE A 14 -4.34 4.11 -2.65
CA ILE A 14 -5.05 4.32 -1.38
C ILE A 14 -5.68 3.00 -0.93
N GLN A 15 -6.30 2.23 -1.84
CA GLN A 15 -6.90 0.95 -1.46
C GLN A 15 -5.84 -0.02 -0.91
N GLN A 16 -4.66 -0.10 -1.55
CA GLN A 16 -3.59 -0.97 -1.05
C GLN A 16 -3.12 -0.52 0.35
N LEU A 17 -3.01 0.79 0.59
CA LEU A 17 -2.59 1.28 1.89
C LEU A 17 -3.65 0.93 2.94
N LEU A 18 -4.93 1.17 2.65
CA LEU A 18 -5.99 0.87 3.61
C LEU A 18 -6.10 -0.63 3.85
N GLU A 19 -5.91 -1.48 2.81
CA GLU A 19 -5.94 -2.93 3.01
C GLU A 19 -4.79 -3.36 3.93
N HIS A 20 -3.61 -2.73 3.80
CA HIS A 20 -2.47 -3.02 4.69
C HIS A 20 -2.85 -2.70 6.15
N PHE A 21 -3.36 -1.48 6.41
CA PHE A 21 -3.76 -1.10 7.77
C PHE A 21 -4.85 -2.03 8.31
N LEU A 22 -5.84 -2.37 7.47
CA LEU A 22 -6.94 -3.24 7.91
C LEU A 22 -6.42 -4.63 8.26
N ARG A 23 -5.53 -5.21 7.43
CA ARG A 23 -4.95 -6.52 7.74
C ARG A 23 -4.21 -6.51 9.08
N GLN A 24 -3.43 -5.44 9.33
CA GLN A 24 -2.67 -5.36 10.58
C GLN A 24 -3.61 -5.29 11.79
N LEU A 25 -4.71 -4.53 11.68
CA LEU A 25 -5.70 -4.43 12.77
C LEU A 25 -6.43 -5.74 12.97
N GLN A 26 -6.83 -6.38 11.87
CA GLN A 26 -7.59 -7.62 11.92
C GLN A 26 -6.76 -8.77 12.53
N ARG A 27 -5.41 -8.72 12.41
CA ARG A 27 -4.54 -9.71 13.06
C ARG A 27 -4.68 -9.67 14.59
N LYS A 28 -5.02 -8.51 15.17
CA LYS A 28 -5.21 -8.39 16.63
C LYS A 28 -6.57 -8.93 17.12
N ASP A 29 -7.43 -9.44 16.23
CA ASP A 29 -8.73 -9.99 16.60
C ASP A 29 -8.82 -11.42 16.01
N PRO A 30 -8.05 -12.38 16.56
CA PRO A 30 -8.07 -13.75 15.99
C PRO A 30 -9.40 -14.49 16.06
N HIS A 31 -10.27 -14.18 17.04
CA HIS A 31 -11.57 -14.84 17.15
C HIS A 31 -12.65 -14.26 16.23
N GLY A 32 -12.38 -13.17 15.53
CA GLY A 32 -13.34 -12.58 14.61
C GLY A 32 -14.51 -11.89 15.28
N PHE A 33 -14.34 -11.40 16.52
CA PHE A 33 -15.42 -10.65 17.21
C PHE A 33 -15.78 -9.38 16.42
N PHE A 34 -14.80 -8.76 15.73
CA PHE A 34 -15.01 -7.55 14.93
C PHE A 34 -15.08 -7.83 13.42
N ALA A 35 -15.10 -9.11 13.00
CA ALA A 35 -15.08 -9.45 11.57
C ALA A 35 -16.36 -9.16 10.80
N PHE A 36 -17.54 -9.27 11.44
CA PHE A 36 -18.84 -9.04 10.80
C PHE A 36 -19.77 -8.27 11.79
N PRO A 37 -20.94 -7.72 11.36
CA PRO A 37 -21.79 -6.97 12.30
C PRO A 37 -22.32 -7.77 13.48
N VAL A 38 -22.54 -7.10 14.62
CA VAL A 38 -23.11 -7.72 15.81
C VAL A 38 -24.62 -7.80 15.60
N THR A 39 -25.21 -8.97 15.79
CA THR A 39 -26.66 -9.13 15.66
C THR A 39 -27.31 -9.10 17.04
N ASP A 40 -28.59 -8.70 17.08
CA ASP A 40 -29.34 -8.67 18.33
C ASP A 40 -29.53 -10.08 18.91
N ALA A 41 -29.50 -11.12 18.06
CA ALA A 41 -29.60 -12.51 18.53
C ALA A 41 -28.48 -12.85 19.51
N ILE A 42 -27.23 -12.44 19.23
CA ILE A 42 -26.11 -12.72 20.14
C ILE A 42 -25.80 -11.57 21.12
N ALA A 43 -26.49 -10.42 20.99
CA ALA A 43 -26.30 -9.27 21.87
C ALA A 43 -27.63 -8.57 22.05
N PRO A 44 -28.45 -9.02 23.03
CA PRO A 44 -29.77 -8.39 23.23
C PRO A 44 -29.71 -6.87 23.40
N GLY A 45 -30.59 -6.18 22.70
CA GLY A 45 -30.66 -4.72 22.75
C GLY A 45 -29.59 -3.99 21.98
N TYR A 46 -28.73 -4.71 21.23
CA TYR A 46 -27.63 -4.06 20.52
C TYR A 46 -28.10 -2.94 19.57
N SER A 47 -29.08 -3.21 18.70
CA SER A 47 -29.57 -2.23 17.73
C SER A 47 -30.27 -1.01 18.42
N MET A 48 -30.74 -1.22 19.68
CA MET A 48 -31.41 -0.23 20.54
C MET A 48 -30.39 0.72 21.22
N ILE A 49 -29.12 0.26 21.40
CA ILE A 49 -28.03 0.98 22.04
C ILE A 49 -27.03 1.57 21.03
N ILE A 50 -26.69 0.81 19.99
CA ILE A 50 -25.72 1.18 18.96
C ILE A 50 -26.44 1.53 17.68
N LYS A 51 -26.53 2.85 17.40
CA LYS A 51 -27.22 3.36 16.23
C LYS A 51 -26.39 3.40 14.97
N HIS A 52 -25.05 3.45 15.07
CA HIS A 52 -24.16 3.51 13.91
C HIS A 52 -23.19 2.31 14.00
N PRO A 53 -23.67 1.09 13.74
CA PRO A 53 -22.79 -0.08 13.84
C PRO A 53 -21.64 -0.04 12.85
N MET A 54 -20.53 -0.69 13.17
CA MET A 54 -19.36 -0.76 12.29
C MET A 54 -18.55 -2.03 12.62
N ASP A 55 -17.88 -2.59 11.62
CA ASP A 55 -17.08 -3.80 11.78
C ASP A 55 -16.04 -3.87 10.65
N PHE A 56 -15.01 -4.71 10.82
CA PHE A 56 -13.95 -4.86 9.82
C PHE A 56 -14.45 -5.32 8.46
N GLY A 57 -15.50 -6.15 8.42
CA GLY A 57 -16.06 -6.63 7.16
C GLY A 57 -16.70 -5.52 6.35
N THR A 58 -17.41 -4.62 7.03
CA THR A 58 -18.01 -3.45 6.39
C THR A 58 -16.89 -2.51 5.92
N MET A 59 -15.84 -2.35 6.72
CA MET A 59 -14.70 -1.49 6.32
C MET A 59 -13.99 -2.10 5.09
N LYS A 60 -13.88 -3.43 5.03
CA LYS A 60 -13.28 -4.09 3.87
C LYS A 60 -14.11 -3.81 2.62
N ASP A 61 -15.44 -3.93 2.72
CA ASP A 61 -16.36 -3.68 1.59
C ASP A 61 -16.23 -2.24 1.11
N LYS A 62 -16.06 -1.28 2.05
CA LYS A 62 -15.88 0.12 1.69
C LYS A 62 -14.55 0.33 0.97
N ILE A 63 -13.47 -0.36 1.38
CA ILE A 63 -12.18 -0.25 0.69
C ILE A 63 -12.32 -0.81 -0.73
N VAL A 64 -12.96 -1.98 -0.88
CA VAL A 64 -13.14 -2.61 -2.19
C VAL A 64 -13.99 -1.71 -3.11
N ALA A 65 -15.04 -1.09 -2.56
CA ALA A 65 -15.90 -0.18 -3.33
C ALA A 65 -15.28 1.23 -3.52
N ASN A 66 -14.04 1.49 -3.02
CA ASN A 66 -13.34 2.76 -3.14
C ASN A 66 -14.13 3.90 -2.47
N GLU A 67 -14.82 3.61 -1.35
CA GLU A 67 -15.64 4.58 -0.63
C GLU A 67 -14.87 5.45 0.36
N TYR A 68 -13.58 5.15 0.64
CA TYR A 68 -12.78 5.98 1.55
C TYR A 68 -11.95 6.97 0.77
N LYS A 69 -12.17 8.27 1.00
CA LYS A 69 -11.40 9.32 0.36
C LYS A 69 -10.08 9.61 1.11
N SER A 70 -9.96 9.19 2.39
CA SER A 70 -8.77 9.48 3.18
C SER A 70 -8.58 8.46 4.31
N VAL A 71 -7.34 8.43 4.86
CA VAL A 71 -7.03 7.60 6.02
C VAL A 71 -7.84 8.12 7.21
N THR A 72 -8.09 9.46 7.32
CA THR A 72 -8.93 10.02 8.39
C THR A 72 -10.32 9.37 8.40
N GLU A 73 -10.97 9.20 7.22
CA GLU A 73 -12.30 8.54 7.14
C GLU A 73 -12.21 7.07 7.58
N PHE A 74 -11.15 6.37 7.19
CA PHE A 74 -10.93 4.98 7.60
C PHE A 74 -10.73 4.91 9.13
N LYS A 75 -9.88 5.78 9.69
CA LYS A 75 -9.66 5.83 11.14
C LYS A 75 -10.95 6.14 11.88
N ALA A 76 -11.82 7.01 11.33
CA ALA A 76 -13.09 7.34 11.97
C ALA A 76 -13.99 6.10 12.06
N ASP A 77 -14.02 5.25 11.02
CA ASP A 77 -14.82 4.01 11.08
C ASP A 77 -14.25 3.04 12.10
N PHE A 78 -12.92 2.90 12.12
CA PHE A 78 -12.21 2.05 13.07
C PHE A 78 -12.51 2.50 14.52
N LYS A 79 -12.43 3.82 14.76
CA LYS A 79 -12.72 4.37 16.07
C LYS A 79 -14.17 4.09 16.47
N LEU A 80 -15.11 4.29 15.53
CA LEU A 80 -16.56 4.04 15.77
C LEU A 80 -16.80 2.60 16.21
N MET A 81 -16.16 1.64 15.49
CA MET A 81 -16.27 0.23 15.83
C MET A 81 -15.83 -0.05 17.28
N CYS A 82 -14.67 0.50 17.69
CA CYS A 82 -14.14 0.30 19.04
C CYS A 82 -14.99 0.99 20.08
N ASP A 83 -15.42 2.23 19.79
CA ASP A 83 -16.27 3.00 20.68
C ASP A 83 -17.62 2.30 20.91
N ASN A 84 -18.17 1.67 19.85
CA ASN A 84 -19.44 0.94 19.97
C ASN A 84 -19.31 -0.22 20.97
N ALA A 85 -18.21 -1.00 20.84
CA ALA A 85 -17.96 -2.09 21.76
C ALA A 85 -17.77 -1.58 23.19
N MET A 86 -17.07 -0.45 23.38
CA MET A 86 -16.89 0.09 24.74
C MET A 86 -18.17 0.73 25.32
N THR A 87 -19.15 1.05 24.47
CA THR A 87 -20.40 1.65 24.89
C THR A 87 -21.37 0.54 25.28
N TYR A 88 -21.50 -0.48 24.41
CA TYR A 88 -22.46 -1.56 24.65
C TYR A 88 -22.02 -2.48 25.81
N ASN A 89 -20.73 -2.84 25.84
CA ASN A 89 -20.15 -3.76 26.82
C ASN A 89 -19.52 -3.06 28.02
N ARG A 90 -19.66 -3.69 29.21
CA ARG A 90 -19.06 -3.16 30.42
C ARG A 90 -17.54 -3.33 30.44
N PRO A 91 -16.79 -2.52 31.23
CA PRO A 91 -15.32 -2.59 31.17
C PRO A 91 -14.68 -3.94 31.50
N ASP A 92 -15.34 -4.81 32.28
CA ASP A 92 -14.74 -6.11 32.62
C ASP A 92 -15.00 -7.19 31.55
N THR A 93 -15.55 -6.84 30.37
CA THR A 93 -15.84 -7.83 29.34
C THR A 93 -14.70 -8.02 28.34
N VAL A 94 -14.67 -9.18 27.69
CA VAL A 94 -13.68 -9.49 26.64
C VAL A 94 -13.80 -8.44 25.49
N TYR A 95 -15.04 -8.05 25.11
CA TYR A 95 -15.23 -7.13 23.98
C TYR A 95 -14.72 -5.73 24.30
N TYR A 96 -15.01 -5.22 25.53
CA TYR A 96 -14.52 -3.89 25.90
C TYR A 96 -12.98 -3.86 25.93
N LYS A 97 -12.37 -4.87 26.58
CA LYS A 97 -10.92 -4.93 26.70
C LYS A 97 -10.23 -5.05 25.35
N LEU A 98 -10.75 -5.91 24.46
CA LEU A 98 -10.16 -6.06 23.13
C LEU A 98 -10.33 -4.78 22.34
N ALA A 99 -11.52 -4.15 22.41
CA ALA A 99 -11.78 -2.88 21.70
C ALA A 99 -10.77 -1.80 22.13
N LYS A 100 -10.49 -1.68 23.44
CA LYS A 100 -9.54 -0.68 23.96
C LYS A 100 -8.12 -0.96 23.47
N LYS A 101 -7.70 -2.23 23.50
CA LYS A 101 -6.36 -2.64 23.05
C LYS A 101 -6.20 -2.37 21.56
N ILE A 102 -7.20 -2.77 20.75
CA ILE A 102 -7.22 -2.59 19.30
C ILE A 102 -7.22 -1.09 18.92
N LEU A 103 -8.05 -0.27 19.60
CA LEU A 103 -8.15 1.17 19.35
C LEU A 103 -6.79 1.88 19.51
N HIS A 104 -6.09 1.64 20.64
CA HIS A 104 -4.80 2.25 20.93
CA HIS A 104 -4.80 2.26 20.92
C HIS A 104 -3.73 1.83 19.91
N ALA A 105 -3.71 0.54 19.55
CA ALA A 105 -2.73 0.04 18.58
C ALA A 105 -2.97 0.59 17.17
N GLY A 106 -4.23 0.70 16.78
CA GLY A 106 -4.59 1.26 15.50
C GLY A 106 -4.26 2.73 15.38
N PHE A 107 -4.50 3.50 16.45
CA PHE A 107 -4.18 4.93 16.41
C PHE A 107 -2.66 5.15 16.47
N LYS A 108 -1.87 4.24 17.05
CA LYS A 108 -0.40 4.38 17.00
C LYS A 108 0.09 4.08 15.57
N MET A 109 -0.47 3.02 14.95
CA MET A 109 -0.11 2.60 13.61
C MET A 109 -0.44 3.67 12.57
N MET A 110 -1.61 4.32 12.73
CA MET A 110 -2.06 5.36 11.81
C MET A 110 -1.95 6.74 12.45
N SER A 111 -0.90 6.96 13.25
CA SER A 111 -0.70 8.23 13.93
C SER A 111 -0.31 9.32 12.95
N LYS A 112 -0.40 10.57 13.40
CA LYS A 112 -0.03 11.71 12.57
C LYS A 112 1.46 11.65 12.25
N GLU A 113 2.33 11.15 13.17
CA GLU A 113 3.77 11.02 12.89
C GLU A 113 4.03 10.00 11.78
N ARG A 114 3.31 8.87 11.83
CA ARG A 114 3.49 7.82 10.82
C ARG A 114 2.96 8.27 9.46
N LEU A 115 1.82 8.97 9.44
CA LEU A 115 1.24 9.47 8.20
C LEU A 115 2.05 10.63 7.65
N LEU A 116 2.69 11.46 8.50
CA LEU A 116 3.56 12.54 8.02
C LEU A 116 4.80 11.94 7.36
N ALA A 117 5.37 10.86 7.94
CA ALA A 117 6.53 10.17 7.34
C ALA A 117 6.15 9.58 6.00
N LEU A 118 4.94 9.00 5.91
CA LEU A 118 4.45 8.41 4.67
C LEU A 118 4.18 9.49 3.61
N LYS A 119 3.60 10.64 4.00
CA LYS A 119 3.37 11.78 3.11
C LYS A 119 4.70 12.28 2.56
N ARG A 120 5.71 12.46 3.43
CA ARG A 120 7.03 12.92 2.99
C ARG A 120 7.69 11.90 2.06
N SER A 121 7.40 10.58 2.20
CA SER A 121 7.93 9.57 1.28
C SER A 121 7.27 9.68 -0.11
N MET A 122 6.06 10.26 -0.24
CA MET A 122 5.44 10.48 -1.55
C MET A 122 6.18 11.56 -2.36
N SER A 123 7.19 12.25 -1.80
CA SER A 123 7.96 13.23 -2.58
C SER A 123 9.11 12.55 -3.32
N GLU B 10 6.75 -7.29 8.65
CA GLU B 10 5.35 -6.89 8.67
C GLU B 10 5.00 -5.91 7.54
N SER B 11 5.99 -5.09 7.09
CA SER B 11 5.90 -4.10 6.01
C SER B 11 5.44 -2.73 6.50
N THR B 12 6.04 -1.66 5.95
CA THR B 12 5.70 -0.26 6.29
C THR B 12 4.80 0.35 5.20
N PRO B 13 4.11 1.48 5.47
CA PRO B 13 3.27 2.08 4.43
C PRO B 13 4.01 2.45 3.14
N ILE B 14 5.24 3.00 3.24
CA ILE B 14 6.02 3.34 2.03
C ILE B 14 6.33 2.07 1.25
N GLN B 15 6.72 0.97 1.93
CA GLN B 15 7.01 -0.28 1.24
C GLN B 15 5.78 -0.81 0.49
N GLN B 16 4.59 -0.76 1.13
CA GLN B 16 3.36 -1.19 0.46
C GLN B 16 3.05 -0.33 -0.77
N LEU B 17 3.27 0.99 -0.68
CA LEU B 17 3.02 1.86 -1.81
C LEU B 17 4.00 1.54 -2.96
N LEU B 18 5.28 1.39 -2.65
CA LEU B 18 6.28 1.09 -3.68
C LEU B 18 6.03 -0.29 -4.28
N GLU B 19 5.61 -1.29 -3.47
CA GLU B 19 5.29 -2.62 -4.00
C GLU B 19 4.09 -2.51 -4.97
N HIS B 20 3.09 -1.67 -4.66
CA HIS B 20 1.96 -1.45 -5.56
C HIS B 20 2.45 -0.87 -6.92
N PHE B 21 3.25 0.21 -6.88
CA PHE B 21 3.77 0.79 -8.14
C PHE B 21 4.61 -0.22 -8.90
N LEU B 22 5.45 -0.99 -8.20
CA LEU B 22 6.32 -1.96 -8.86
C LEU B 22 5.47 -3.06 -9.51
N ARG B 23 4.43 -3.58 -8.82
CA ARG B 23 3.56 -4.59 -9.41
C ARG B 23 2.88 -4.07 -10.67
N GLN B 24 2.41 -2.82 -10.66
CA GLN B 24 1.74 -2.25 -11.83
C GLN B 24 2.71 -2.16 -13.02
N LEU B 25 3.95 -1.73 -12.77
CA LEU B 25 4.96 -1.64 -13.83
C LEU B 25 5.34 -3.02 -14.34
N GLN B 26 5.54 -3.97 -13.42
CA GLN B 26 5.96 -5.31 -13.75
C GLN B 26 4.88 -6.06 -14.56
N ARG B 27 3.58 -5.69 -14.41
CA ARG B 27 2.50 -6.28 -15.22
C ARG B 27 2.69 -5.94 -16.70
N LYS B 28 3.33 -4.80 -17.02
CA LYS B 28 3.58 -4.43 -18.41
C LYS B 28 4.74 -5.22 -19.05
N ASP B 29 5.43 -6.10 -18.29
CA ASP B 29 6.56 -6.89 -18.78
C ASP B 29 6.27 -8.37 -18.50
N PRO B 30 5.30 -8.98 -19.21
CA PRO B 30 4.94 -10.38 -18.91
C PRO B 30 6.05 -11.41 -19.16
N HIS B 31 6.99 -11.14 -20.09
CA HIS B 31 8.09 -12.07 -20.37
C HIS B 31 9.27 -11.97 -19.40
N GLY B 32 9.27 -11.01 -18.50
CA GLY B 32 10.35 -10.88 -17.53
C GLY B 32 11.66 -10.36 -18.08
N PHE B 33 11.63 -9.60 -19.18
CA PHE B 33 12.86 -9.02 -19.73
C PHE B 33 13.53 -8.05 -18.72
N PHE B 34 12.72 -7.37 -17.88
CA PHE B 34 13.23 -6.44 -16.86
C PHE B 34 13.21 -7.06 -15.45
N ALA B 35 12.90 -8.38 -15.30
CA ALA B 35 12.77 -9.00 -14.00
C ALA B 35 14.08 -9.21 -13.25
N PHE B 36 15.21 -9.42 -13.97
CA PHE B 36 16.53 -9.66 -13.38
C PHE B 36 17.61 -8.91 -14.17
N PRO B 37 18.87 -8.83 -13.66
CA PRO B 37 19.91 -8.13 -14.43
C PRO B 37 20.23 -8.78 -15.78
N VAL B 38 20.65 -7.96 -16.74
CA VAL B 38 21.09 -8.43 -18.05
C VAL B 38 22.52 -8.91 -17.87
N THR B 39 22.84 -10.12 -18.33
CA THR B 39 24.21 -10.63 -18.25
C THR B 39 24.94 -10.43 -19.57
N ASP B 40 26.27 -10.33 -19.51
CA ASP B 40 27.09 -10.20 -20.71
C ASP B 40 26.98 -11.43 -21.60
N ALA B 41 26.69 -12.62 -21.03
CA ALA B 41 26.50 -13.84 -21.80
C ALA B 41 25.39 -13.68 -22.85
N ILE B 42 24.25 -13.06 -22.50
CA ILE B 42 23.15 -12.86 -23.45
C ILE B 42 23.18 -11.47 -24.14
N ALA B 43 24.14 -10.60 -23.79
CA ALA B 43 24.21 -9.24 -24.32
C ALA B 43 25.66 -8.80 -24.33
N PRO B 44 26.43 -9.23 -25.35
CA PRO B 44 27.86 -8.88 -25.39
C PRO B 44 28.15 -7.40 -25.19
N GLY B 45 29.12 -7.11 -24.34
CA GLY B 45 29.51 -5.74 -24.04
C GLY B 45 28.58 -4.98 -23.11
N TYR B 46 27.53 -5.64 -22.58
CA TYR B 46 26.56 -4.94 -21.75
C TYR B 46 27.19 -4.20 -20.56
N SER B 47 28.04 -4.89 -19.77
CA SER B 47 28.67 -4.28 -18.59
C SER B 47 29.60 -3.11 -18.88
N MET B 48 30.11 -3.00 -20.10
CA MET B 48 30.93 -1.84 -20.44
C MET B 48 30.05 -0.68 -20.89
N ILE B 49 28.96 -0.96 -21.58
CA ILE B 49 28.09 0.07 -22.14
C ILE B 49 27.20 0.66 -21.04
N ILE B 50 26.66 -0.23 -20.19
CA ILE B 50 25.74 0.13 -19.11
C ILE B 50 26.49 0.03 -17.79
N LYS B 51 27.06 1.14 -17.30
CA LYS B 51 27.81 1.12 -16.04
C LYS B 51 26.91 1.18 -14.79
N HIS B 52 25.60 1.42 -14.96
CA HIS B 52 24.68 1.56 -13.84
C HIS B 52 23.48 0.67 -14.13
N PRO B 53 23.67 -0.66 -14.06
CA PRO B 53 22.55 -1.55 -14.37
C PRO B 53 21.43 -1.43 -13.36
N MET B 54 20.21 -1.69 -13.81
CA MET B 54 19.04 -1.66 -12.92
C MET B 54 17.96 -2.58 -13.51
N ASP B 55 17.16 -3.19 -12.63
CA ASP B 55 16.09 -4.10 -13.04
C ASP B 55 15.05 -4.18 -11.92
N PHE B 56 13.85 -4.66 -12.24
CA PHE B 56 12.75 -4.78 -11.27
C PHE B 56 13.11 -5.64 -10.07
N GLY B 57 13.92 -6.69 -10.26
CA GLY B 57 14.33 -7.57 -9.16
C GLY B 57 15.19 -6.86 -8.14
N THR B 58 16.12 -6.02 -8.62
CA THR B 58 16.95 -5.22 -7.75
C THR B 58 16.09 -4.18 -7.04
N MET B 59 15.12 -3.58 -7.75
CA MET B 59 14.23 -2.59 -7.13
C MET B 59 13.37 -3.28 -6.06
N LYS B 60 12.93 -4.52 -6.30
CA LYS B 60 12.15 -5.27 -5.30
C LYS B 60 12.99 -5.50 -4.05
N ASP B 61 14.27 -5.92 -4.22
CA ASP B 61 15.19 -6.16 -3.09
C ASP B 61 15.40 -4.89 -2.29
N LYS B 62 15.49 -3.72 -2.97
CA LYS B 62 15.64 -2.45 -2.30
C LYS B 62 14.38 -2.10 -1.50
N ILE B 63 13.17 -2.39 -2.04
CA ILE B 63 11.92 -2.15 -1.29
C ILE B 63 11.91 -3.04 -0.05
N VAL B 64 12.24 -4.33 -0.21
CA VAL B 64 12.22 -5.28 0.93
C VAL B 64 13.24 -4.86 1.99
N ALA B 65 14.43 -4.38 1.58
CA ALA B 65 15.45 -3.91 2.51
C ALA B 65 15.18 -2.48 3.05
N ASN B 66 14.05 -1.84 2.67
CA ASN B 66 13.67 -0.50 3.09
C ASN B 66 14.73 0.54 2.71
N GLU B 67 15.36 0.37 1.52
CA GLU B 67 16.41 1.25 1.02
C GLU B 67 15.89 2.50 0.29
N TYR B 68 14.58 2.59 -0.02
CA TYR B 68 14.03 3.77 -0.68
C TYR B 68 13.43 4.72 0.34
N LYS B 69 13.98 5.93 0.41
CA LYS B 69 13.47 6.97 1.31
C LYS B 69 12.27 7.73 0.69
N SER B 70 12.10 7.66 -0.65
CA SER B 70 11.04 8.40 -1.32
C SER B 70 10.64 7.76 -2.66
N VAL B 71 9.46 8.15 -3.16
CA VAL B 71 8.99 7.72 -4.47
C VAL B 71 9.96 8.32 -5.53
N THR B 72 10.52 9.53 -5.32
CA THR B 72 11.51 10.10 -6.25
C THR B 72 12.70 9.15 -6.46
N GLU B 73 13.25 8.56 -5.37
CA GLU B 73 14.36 7.61 -5.49
C GLU B 73 13.94 6.34 -6.28
N PHE B 74 12.73 5.84 -6.02
CA PHE B 74 12.18 4.69 -6.75
C PHE B 74 12.02 5.03 -8.25
N LYS B 75 11.44 6.20 -8.55
CA LYS B 75 11.28 6.64 -9.94
C LYS B 75 12.63 6.79 -10.64
N ALA B 76 13.66 7.26 -9.92
CA ALA B 76 15.00 7.41 -10.51
C ALA B 76 15.56 6.04 -10.94
N ASP B 77 15.33 4.99 -10.12
CA ASP B 77 15.82 3.65 -10.50
C ASP B 77 15.05 3.12 -11.70
N PHE B 78 13.73 3.32 -11.71
CA PHE B 78 12.87 2.91 -12.81
C PHE B 78 13.30 3.60 -14.13
N LYS B 79 13.56 4.92 -14.04
CA LYS B 79 14.03 5.67 -15.21
C LYS B 79 15.36 5.13 -15.71
N LEU B 80 16.30 4.86 -14.78
CA LEU B 80 17.62 4.32 -15.14
C LEU B 80 17.50 3.01 -15.89
N MET B 81 16.62 2.11 -15.39
CA MET B 81 16.38 0.81 -16.04
C MET B 81 15.90 1.01 -17.52
N CYS B 82 14.90 1.87 -17.76
CA CYS B 82 14.39 2.11 -19.11
C CYS B 82 15.44 2.80 -19.97
N ASP B 83 16.14 3.81 -19.41
CA ASP B 83 17.20 4.52 -20.16
C ASP B 83 18.31 3.55 -20.59
N ASN B 84 18.66 2.59 -19.72
CA ASN B 84 19.67 1.60 -20.05
C ASN B 84 19.28 0.76 -21.27
N ALA B 85 18.00 0.30 -21.29
CA ALA B 85 17.44 -0.47 -22.41
C ALA B 85 17.39 0.33 -23.70
N MET B 86 17.07 1.62 -23.61
CA MET B 86 17.02 2.51 -24.78
C MET B 86 18.42 3.01 -25.20
N THR B 87 19.49 2.71 -24.42
CA THR B 87 20.87 3.02 -24.76
C THR B 87 21.57 1.82 -25.40
N TYR B 88 21.44 0.63 -24.80
CA TYR B 88 22.11 -0.55 -25.30
C TYR B 88 21.47 -1.11 -26.58
N ASN B 89 20.12 -1.12 -26.64
CA ASN B 89 19.38 -1.73 -27.74
C ASN B 89 18.99 -0.76 -28.82
N ARG B 90 18.86 -1.24 -30.04
CA ARG B 90 18.48 -0.38 -31.16
C ARG B 90 16.98 -0.08 -31.13
N PRO B 91 16.53 1.04 -31.73
CA PRO B 91 15.10 1.38 -31.63
C PRO B 91 14.08 0.38 -32.19
N ASP B 92 14.48 -0.48 -33.16
CA ASP B 92 13.53 -1.45 -33.71
C ASP B 92 13.44 -2.75 -32.88
N THR B 93 14.04 -2.81 -31.68
CA THR B 93 14.03 -4.03 -30.89
C THR B 93 12.88 -4.06 -29.90
N VAL B 94 12.52 -5.29 -29.49
CA VAL B 94 11.49 -5.51 -28.49
C VAL B 94 11.87 -4.80 -27.17
N TYR B 95 13.16 -4.84 -26.76
CA TYR B 95 13.60 -4.24 -25.50
C TYR B 95 13.49 -2.73 -25.50
N TYR B 96 13.90 -2.08 -26.61
CA TYR B 96 13.81 -0.63 -26.69
C TYR B 96 12.35 -0.18 -26.65
N LYS B 97 11.49 -0.81 -27.46
CA LYS B 97 10.08 -0.45 -27.54
C LYS B 97 9.37 -0.65 -26.22
N LEU B 98 9.63 -1.78 -25.53
CA LEU B 98 8.99 -2.04 -24.24
C LEU B 98 9.48 -1.03 -23.20
N ALA B 99 10.80 -0.73 -23.14
CA ALA B 99 11.32 0.26 -22.19
C ALA B 99 10.65 1.63 -22.40
N LYS B 100 10.49 2.07 -23.67
CA LYS B 100 9.87 3.38 -23.93
C LYS B 100 8.42 3.40 -23.46
N LYS B 101 7.67 2.33 -23.74
CA LYS B 101 6.27 2.21 -23.36
C LYS B 101 6.13 2.23 -21.85
N ILE B 102 6.95 1.45 -21.14
CA ILE B 102 6.83 1.38 -19.69
C ILE B 102 7.36 2.67 -19.02
N LEU B 103 8.42 3.32 -19.57
CA LEU B 103 8.91 4.58 -18.99
C LEU B 103 7.79 5.65 -18.95
N HIS B 104 7.10 5.87 -20.10
CA HIS B 104 6.04 6.88 -20.15
C HIS B 104 4.85 6.52 -19.25
N ALA B 105 4.47 5.24 -19.21
CA ALA B 105 3.36 4.79 -18.36
C ALA B 105 3.71 4.91 -16.85
N GLY B 106 4.94 4.57 -16.50
CA GLY B 106 5.39 4.67 -15.12
C GLY B 106 5.45 6.11 -14.64
N PHE B 107 5.92 7.03 -15.50
CA PHE B 107 5.97 8.44 -15.11
C PHE B 107 4.57 9.07 -15.04
N LYS B 108 3.60 8.57 -15.81
CA LYS B 108 2.21 9.07 -15.69
C LYS B 108 1.62 8.56 -14.38
N MET B 109 1.85 7.28 -14.06
CA MET B 109 1.35 6.63 -12.84
C MET B 109 1.90 7.29 -11.58
N MET B 110 3.18 7.64 -11.60
CA MET B 110 3.85 8.27 -10.47
C MET B 110 4.11 9.75 -10.73
N SER B 111 3.19 10.42 -11.43
CA SER B 111 3.35 11.83 -11.75
C SER B 111 3.21 12.70 -10.50
N LYS B 112 3.82 13.91 -10.53
CA LYS B 112 3.74 14.88 -9.41
C LYS B 112 2.28 15.14 -9.00
N GLU B 113 1.36 15.13 -9.98
CA GLU B 113 -0.06 15.37 -9.77
C GLU B 113 -0.71 14.18 -9.02
N ARG B 114 -0.43 12.93 -9.45
CA ARG B 114 -0.94 11.73 -8.79
C ARG B 114 -0.40 11.64 -7.35
N LEU B 115 0.88 12.00 -7.16
CA LEU B 115 1.48 11.98 -5.83
C LEU B 115 0.92 13.08 -4.93
N LEU B 116 0.54 14.24 -5.48
CA LEU B 116 -0.08 15.31 -4.70
C LEU B 116 -1.47 14.86 -4.24
N ALA B 117 -2.23 14.18 -5.13
CA ALA B 117 -3.55 13.67 -4.76
C ALA B 117 -3.43 12.60 -3.66
N LEU B 118 -2.40 11.76 -3.76
CA LEU B 118 -2.15 10.73 -2.77
C LEU B 118 -1.73 11.33 -1.42
N LYS B 119 -0.88 12.37 -1.43
CA LYS B 119 -0.47 13.09 -0.23
C LYS B 119 -1.70 13.71 0.44
N ARG B 120 -2.59 14.31 -0.36
CA ARG B 120 -3.86 14.91 0.09
C ARG B 120 -4.73 13.86 0.77
N SER B 121 -4.76 12.64 0.23
CA SER B 121 -5.55 11.56 0.80
C SER B 121 -5.01 11.08 2.16
N MET B 122 -3.70 11.31 2.46
CA MET B 122 -3.17 10.99 3.78
C MET B 122 -3.68 11.96 4.86
N SER B 123 -4.23 13.13 4.46
CA SER B 123 -4.77 14.13 5.36
C SER B 123 -3.61 14.91 5.99
#